data_5JOG
#
_entry.id   5JOG
#
_cell.length_a   101.363
_cell.length_b   101.363
_cell.length_c   68.602
_cell.angle_alpha   90.00
_cell.angle_beta   90.00
_cell.angle_gamma   90.00
#
_symmetry.space_group_name_H-M   'I 4'
#
loop_
_entity.id
_entity.type
_entity.pdbx_description
1 polymer 'COP9 signalosome complex subunit 5'
2 non-polymer 'ZINC ION'
3 non-polymer "3-(difluoromethyl)-N-{6-[(5S,6S)-6-hydroxy-6,7,8,9-tetrahydro-5H-imidazo[1,5-a]azepin-5-yl][1,1'-biphenyl]-3-yl}-1-(propan-2-yl)-1H-pyrazole-5-carboxamide"
4 water water
#
_entity_poly.entity_id   1
_entity_poly.type   'polypeptide(L)'
_entity_poly.pdbx_seq_one_letter_code
;GAASGSGMAQKTWELANNMQEAQSIDEIYKYDKKQQQEILAAKPWTKDHHYFKYCKISALALLKMVMHARSGGNLEVMGL
MLGKVDGETMIIMDSFALPVEGTETRVNAQAAAYEYMAAYIENAKQVGRLENAIGWYHSHPGYGCWLSGIDVSTQMLNQQ
FQEPFVAVVIDPTRTISAGKVNLGAFRTYPKGYKPPDEGPSEYQTIPLNKIEDFGVHCKQYYALEVSYFKSSLDRKLLEL
LWNKYWVNTLSSSSLLT
;
_entity_poly.pdbx_strand_id   A
#
loop_
_chem_comp.id
_chem_comp.type
_chem_comp.name
_chem_comp.formula
6LT non-polymer 3-(difluoromethyl)-N-{6-[(5S,6S)-6-hydroxy-6,7,8,9-tetrahydro-5H-imidazo[1,5-a]azepin-5-yl][1,1'-biphenyl]-3-yl}-1-(propan-2-yl)-1H-pyrazole-5-carboxamide 'C28 H29 F2 N5 O2'
ZN non-polymer 'ZINC ION' 'Zn 2'
#
# COMPACT_ATOMS: atom_id res chain seq x y z
N SER A 4 8.71 -41.21 -34.51
CA SER A 4 10.18 -41.17 -34.49
C SER A 4 10.67 -39.87 -33.85
N GLY A 5 11.23 -39.99 -32.65
CA GLY A 5 11.69 -38.85 -31.87
C GLY A 5 10.55 -38.14 -31.15
N SER A 6 9.38 -38.80 -31.10
CA SER A 6 8.13 -38.34 -30.48
C SER A 6 8.30 -38.05 -28.97
N GLY A 7 9.03 -38.93 -28.26
CA GLY A 7 9.28 -38.82 -26.83
C GLY A 7 10.20 -37.67 -26.51
N MET A 8 11.29 -37.57 -27.27
CA MET A 8 12.30 -36.51 -27.16
C MET A 8 11.69 -35.15 -27.53
N ALA A 9 10.74 -35.13 -28.48
CA ALA A 9 10.07 -33.90 -28.92
C ALA A 9 9.24 -33.32 -27.76
N GLN A 10 8.53 -34.20 -27.01
CA GLN A 10 7.69 -33.87 -25.85
C GLN A 10 8.50 -33.21 -24.72
N LYS A 11 9.69 -33.76 -24.44
CA LYS A 11 10.63 -33.28 -23.45
C LYS A 11 11.11 -31.90 -23.83
N THR A 12 11.56 -31.72 -25.11
CA THR A 12 12.04 -30.44 -25.66
C THR A 12 10.93 -29.38 -25.63
N TRP A 13 9.69 -29.77 -25.98
CA TRP A 13 8.53 -28.90 -25.96
C TRP A 13 8.24 -28.40 -24.53
N GLU A 14 8.37 -29.29 -23.51
CA GLU A 14 8.16 -28.97 -22.08
C GLU A 14 9.26 -28.01 -21.66
N LEU A 15 10.49 -28.31 -22.05
CA LEU A 15 11.66 -27.51 -21.74
C LEU A 15 11.56 -26.09 -22.32
N ALA A 16 11.05 -25.97 -23.56
CA ALA A 16 10.88 -24.70 -24.26
C ALA A 16 9.81 -23.91 -23.54
N ASN A 17 8.71 -24.57 -23.17
CA ASN A 17 7.61 -23.97 -22.43
C ASN A 17 8.09 -23.36 -21.11
N ASN A 18 8.94 -24.11 -20.35
CA ASN A 18 9.52 -23.65 -19.08
C ASN A 18 10.51 -22.52 -19.28
N MET A 19 11.48 -22.68 -20.23
CA MET A 19 12.48 -21.66 -20.53
C MET A 19 11.84 -20.36 -20.98
N GLN A 20 10.77 -20.43 -21.81
CA GLN A 20 10.09 -19.21 -22.27
C GLN A 20 9.31 -18.52 -21.13
N GLU A 21 8.74 -19.28 -20.16
CA GLU A 21 8.07 -18.68 -18.99
C GLU A 21 9.05 -17.82 -18.16
N ALA A 22 10.23 -18.36 -17.81
CA ALA A 22 11.29 -17.68 -17.05
C ALA A 22 11.70 -16.37 -17.71
N GLN A 23 11.99 -16.44 -19.02
CA GLN A 23 12.37 -15.34 -19.91
C GLN A 23 11.25 -14.27 -19.95
N SER A 24 9.97 -14.71 -20.05
CA SER A 24 8.80 -13.83 -20.05
C SER A 24 8.71 -13.11 -18.71
N ILE A 25 8.90 -13.85 -17.59
CA ILE A 25 8.87 -13.31 -16.23
C ILE A 25 9.93 -12.24 -16.08
N ASP A 26 11.16 -12.53 -16.50
CA ASP A 26 12.27 -11.58 -16.45
C ASP A 26 12.02 -10.35 -17.29
N GLU A 27 11.46 -10.51 -18.51
CA GLU A 27 11.10 -9.41 -19.40
C GLU A 27 10.05 -8.49 -18.74
N ILE A 28 9.04 -9.09 -18.08
CA ILE A 28 7.94 -8.36 -17.44
C ILE A 28 8.46 -7.55 -16.25
N TYR A 29 9.30 -8.18 -15.42
CA TYR A 29 9.94 -7.54 -14.29
C TYR A 29 10.72 -6.31 -14.73
N LYS A 30 11.56 -6.48 -15.77
CA LYS A 30 12.42 -5.44 -16.33
C LYS A 30 11.60 -4.29 -16.95
N TYR A 31 10.48 -4.61 -17.63
CA TYR A 31 9.59 -3.60 -18.20
C TYR A 31 8.94 -2.80 -17.06
N ASP A 32 8.42 -3.50 -16.02
CA ASP A 32 7.83 -2.87 -14.83
C ASP A 32 8.83 -1.99 -14.10
N LYS A 33 10.07 -2.50 -13.88
CA LYS A 33 11.16 -1.74 -13.25
C LYS A 33 11.40 -0.40 -13.96
N LYS A 34 11.61 -0.42 -15.30
CA LYS A 34 11.87 0.80 -16.08
C LYS A 34 10.65 1.70 -16.15
N GLN A 35 9.44 1.11 -16.19
CA GLN A 35 8.19 1.87 -16.20
C GLN A 35 7.98 2.58 -14.84
N GLN A 36 8.46 1.97 -13.74
CA GLN A 36 8.35 2.50 -12.39
C GLN A 36 9.41 3.59 -12.18
N GLN A 37 10.65 3.35 -12.66
CA GLN A 37 11.74 4.33 -12.59
C GLN A 37 11.38 5.60 -13.40
N GLU A 38 10.55 5.43 -14.46
CA GLU A 38 10.05 6.51 -15.30
C GLU A 38 9.24 7.44 -14.43
N ILE A 39 8.09 6.96 -13.89
CA ILE A 39 7.16 7.75 -13.08
C ILE A 39 7.84 8.32 -11.82
N LEU A 40 8.68 7.53 -11.11
CA LEU A 40 9.41 7.97 -9.92
C LEU A 40 10.35 9.16 -10.16
N ALA A 41 10.94 9.25 -11.38
CA ALA A 41 11.81 10.36 -11.79
C ALA A 41 10.94 11.54 -12.29
N ALA A 42 9.75 11.22 -12.90
CA ALA A 42 8.77 12.21 -13.41
C ALA A 42 8.07 12.95 -12.26
N LYS A 43 7.72 12.22 -11.17
CA LYS A 43 7.03 12.71 -9.95
C LYS A 43 5.71 13.45 -10.24
N PRO A 44 4.74 12.94 -11.06
CA PRO A 44 3.51 13.75 -11.34
C PRO A 44 2.70 14.25 -10.15
N TRP A 45 2.74 13.50 -9.03
CA TRP A 45 2.03 13.75 -7.76
C TRP A 45 2.44 15.07 -7.07
N THR A 46 3.63 15.61 -7.43
CA THR A 46 4.16 16.85 -6.88
C THR A 46 3.38 18.09 -7.40
N LYS A 47 2.80 17.98 -8.62
CA LYS A 47 2.01 19.04 -9.25
C LYS A 47 0.51 18.90 -8.95
N ASP A 48 -0.06 17.69 -9.18
CA ASP A 48 -1.47 17.42 -8.91
C ASP A 48 -1.65 16.99 -7.44
N HIS A 49 -2.66 17.57 -6.76
CA HIS A 49 -2.93 17.30 -5.35
C HIS A 49 -4.08 16.30 -5.13
N HIS A 50 -4.73 15.89 -6.22
CA HIS A 50 -5.77 14.87 -6.26
C HIS A 50 -5.35 13.81 -7.32
N TYR A 51 -4.02 13.66 -7.53
CA TYR A 51 -3.43 12.73 -8.50
C TYR A 51 -3.95 11.31 -8.33
N PHE A 52 -3.55 10.64 -7.24
CA PHE A 52 -4.00 9.29 -6.88
C PHE A 52 -5.45 9.31 -6.46
N LYS A 53 -6.21 8.32 -6.97
CA LYS A 53 -7.63 8.20 -6.70
C LYS A 53 -8.04 6.78 -6.31
N TYR A 54 -7.22 5.79 -6.65
CA TYR A 54 -7.50 4.37 -6.35
C TYR A 54 -6.36 3.75 -5.55
N CYS A 55 -6.73 2.78 -4.72
CA CYS A 55 -5.84 1.98 -3.91
C CYS A 55 -6.28 0.50 -4.01
N LYS A 56 -5.45 -0.34 -4.66
CA LYS A 56 -5.69 -1.78 -4.88
C LYS A 56 -4.87 -2.53 -3.84
N ILE A 57 -5.53 -3.30 -2.95
CA ILE A 57 -4.84 -4.03 -1.88
C ILE A 57 -4.90 -5.53 -2.08
N SER A 58 -3.74 -6.20 -2.04
CA SER A 58 -3.69 -7.65 -2.18
C SER A 58 -4.31 -8.33 -0.94
N ALA A 59 -4.93 -9.52 -1.12
CA ALA A 59 -5.57 -10.28 -0.03
C ALA A 59 -4.49 -10.73 0.98
N LEU A 60 -3.24 -10.91 0.52
CA LEU A 60 -2.13 -11.28 1.39
C LEU A 60 -1.77 -10.13 2.34
N ALA A 61 -1.72 -8.90 1.80
CA ALA A 61 -1.37 -7.69 2.55
C ALA A 61 -2.47 -7.36 3.58
N LEU A 62 -3.74 -7.52 3.19
CA LEU A 62 -4.92 -7.33 4.05
C LEU A 62 -4.92 -8.34 5.20
N LEU A 63 -4.63 -9.64 4.92
CA LEU A 63 -4.58 -10.75 5.88
C LEU A 63 -3.59 -10.40 6.98
N LYS A 64 -2.36 -10.06 6.60
CA LYS A 64 -1.22 -9.68 7.46
C LYS A 64 -1.51 -8.41 8.29
N MET A 65 -2.08 -7.38 7.65
CA MET A 65 -2.42 -6.12 8.31
C MET A 65 -3.51 -6.32 9.35
N VAL A 66 -4.58 -7.09 9.00
CA VAL A 66 -5.70 -7.36 9.88
C VAL A 66 -5.25 -8.23 11.05
N MET A 67 -4.36 -9.21 10.80
CA MET A 67 -3.78 -10.10 11.81
C MET A 67 -3.00 -9.27 12.81
N HIS A 68 -2.10 -8.38 12.32
CA HIS A 68 -1.32 -7.46 13.15
C HIS A 68 -2.22 -6.55 13.99
N ALA A 69 -3.23 -5.93 13.34
CA ALA A 69 -4.20 -5.04 13.96
C ALA A 69 -4.91 -5.70 15.13
N ARG A 70 -5.39 -6.94 14.93
CA ARG A 70 -6.12 -7.73 15.91
C ARG A 70 -5.28 -8.02 17.11
N SER A 71 -4.01 -8.40 16.88
CA SER A 71 -3.04 -8.78 17.90
C SER A 71 -2.78 -7.71 18.98
N GLY A 72 -2.98 -6.42 18.67
CA GLY A 72 -2.80 -5.35 19.64
C GLY A 72 -4.02 -5.10 20.52
N GLY A 73 -5.12 -5.79 20.22
CA GLY A 73 -6.39 -5.64 20.91
C GLY A 73 -6.92 -4.22 20.89
N ASN A 74 -7.00 -3.63 22.06
CA ASN A 74 -7.47 -2.25 22.32
C ASN A 74 -6.38 -1.21 21.99
N LEU A 75 -5.12 -1.67 21.86
CA LEU A 75 -3.99 -0.81 21.55
C LEU A 75 -3.67 -0.70 20.05
N GLU A 76 -3.31 0.52 19.61
CA GLU A 76 -2.91 0.81 18.24
C GLU A 76 -1.64 0.05 17.88
N VAL A 77 -1.48 -0.20 16.58
CA VAL A 77 -0.41 -0.98 15.99
C VAL A 77 -0.10 -0.34 14.66
N MET A 78 1.13 -0.52 14.17
CA MET A 78 1.50 0.07 12.88
C MET A 78 2.55 -0.74 12.18
N GLY A 79 2.68 -0.51 10.88
CA GLY A 79 3.66 -1.23 10.09
C GLY A 79 3.83 -0.62 8.72
N LEU A 80 4.65 -1.24 7.92
CA LEU A 80 4.90 -0.72 6.57
C LEU A 80 4.31 -1.57 5.47
N MET A 81 4.02 -0.89 4.35
CA MET A 81 3.41 -1.50 3.17
C MET A 81 4.35 -1.46 1.93
N LEU A 82 4.39 -2.58 1.18
CA LEU A 82 5.17 -2.77 -0.05
C LEU A 82 4.19 -2.81 -1.23
N GLY A 83 4.58 -2.18 -2.32
CA GLY A 83 3.76 -2.11 -3.53
C GLY A 83 4.40 -1.22 -4.58
N LYS A 84 3.57 -0.60 -5.40
CA LYS A 84 4.00 0.26 -6.49
C LYS A 84 2.85 1.13 -6.96
N VAL A 85 3.17 2.07 -7.89
CA VAL A 85 2.26 3.02 -8.55
C VAL A 85 1.84 2.49 -9.98
N ASP A 86 0.60 2.75 -10.38
CA ASP A 86 0.03 2.37 -11.68
C ASP A 86 -0.94 3.48 -12.09
N GLY A 87 -0.39 4.55 -12.63
CA GLY A 87 -1.15 5.74 -12.98
C GLY A 87 -1.64 6.40 -11.71
N GLU A 88 -2.96 6.60 -11.59
CA GLU A 88 -3.59 7.20 -10.41
C GLU A 88 -3.92 6.14 -9.33
N THR A 89 -3.29 4.94 -9.40
CA THR A 89 -3.57 3.90 -8.43
C THR A 89 -2.34 3.51 -7.66
N MET A 90 -2.52 3.37 -6.33
CA MET A 90 -1.49 2.90 -5.40
C MET A 90 -1.82 1.43 -5.17
N ILE A 91 -0.87 0.54 -5.50
CA ILE A 91 -1.03 -0.91 -5.36
C ILE A 91 -0.26 -1.36 -4.14
N ILE A 92 -0.92 -2.07 -3.25
CA ILE A 92 -0.29 -2.62 -2.05
C ILE A 92 -0.28 -4.11 -2.27
N MET A 93 0.91 -4.69 -2.25
CA MET A 93 1.12 -6.08 -2.56
C MET A 93 1.45 -6.88 -1.31
N ASP A 94 2.16 -6.25 -0.38
CA ASP A 94 2.62 -6.90 0.83
C ASP A 94 2.80 -5.86 1.95
N SER A 95 3.01 -6.36 3.19
CA SER A 95 3.21 -5.53 4.38
C SER A 95 4.00 -6.23 5.46
N PHE A 96 4.66 -5.47 6.34
CA PHE A 96 5.34 -6.03 7.51
C PHE A 96 5.08 -5.16 8.74
N ALA A 97 5.02 -5.79 9.92
CA ALA A 97 4.76 -5.15 11.19
C ALA A 97 5.93 -4.29 11.63
N LEU A 98 5.69 -3.26 12.44
CA LEU A 98 6.74 -2.43 13.03
C LEU A 98 6.71 -2.59 14.55
N PRO A 99 7.87 -2.85 15.21
CA PRO A 99 9.25 -2.91 14.67
C PRO A 99 9.67 -4.31 14.21
N VAL A 107 16.66 1.35 21.81
CA VAL A 107 16.41 1.67 20.40
C VAL A 107 17.56 2.56 19.86
N ASN A 108 18.54 1.94 19.18
CA ASN A 108 19.71 2.62 18.60
C ASN A 108 19.30 3.41 17.34
N ALA A 109 18.66 2.71 16.38
CA ALA A 109 18.16 3.23 15.10
C ALA A 109 17.18 2.23 14.49
N GLN A 110 16.32 2.69 13.56
CA GLN A 110 15.35 1.86 12.85
C GLN A 110 15.98 1.22 11.60
N ALA A 111 17.23 0.72 11.75
CA ALA A 111 18.01 0.04 10.71
C ALA A 111 17.34 -1.30 10.35
N ALA A 112 16.55 -1.86 11.29
CA ALA A 112 15.78 -3.10 11.12
C ALA A 112 14.64 -2.88 10.12
N ALA A 113 13.91 -1.75 10.25
CA ALA A 113 12.81 -1.35 9.36
C ALA A 113 13.33 -1.09 7.93
N TYR A 114 14.61 -0.70 7.82
CA TYR A 114 15.29 -0.46 6.56
C TYR A 114 15.82 -1.75 5.94
N GLU A 115 16.41 -2.67 6.75
CA GLU A 115 16.97 -3.95 6.27
C GLU A 115 15.90 -5.07 6.09
N TYR A 116 14.68 -4.84 6.61
CA TYR A 116 13.55 -5.75 6.45
C TYR A 116 12.99 -5.49 5.05
N MET A 117 12.79 -4.19 4.76
CA MET A 117 12.32 -3.58 3.52
C MET A 117 13.11 -4.12 2.32
N ALA A 118 14.46 -4.13 2.41
CA ALA A 118 15.36 -4.62 1.38
C ALA A 118 15.21 -6.12 1.07
N ALA A 119 14.99 -6.95 2.11
CA ALA A 119 14.78 -8.40 1.99
C ALA A 119 13.43 -8.74 1.36
N TYR A 120 12.39 -7.91 1.59
CA TYR A 120 11.05 -8.11 1.03
C TYR A 120 11.08 -7.85 -0.47
N ILE A 121 11.71 -6.72 -0.87
CA ILE A 121 11.91 -6.29 -2.25
C ILE A 121 12.69 -7.40 -2.98
N GLU A 122 13.78 -7.90 -2.35
CA GLU A 122 14.63 -8.96 -2.88
C GLU A 122 13.92 -10.29 -3.02
N ASN A 123 13.11 -10.68 -2.01
CA ASN A 123 12.35 -11.93 -2.07
C ASN A 123 11.36 -11.87 -3.22
N ALA A 124 10.67 -10.72 -3.37
CA ALA A 124 9.71 -10.48 -4.45
C ALA A 124 10.40 -10.45 -5.82
N LYS A 125 11.63 -9.91 -5.91
CA LYS A 125 12.41 -9.85 -7.15
C LYS A 125 12.59 -11.28 -7.74
N GLN A 126 12.92 -12.26 -6.87
CA GLN A 126 13.10 -13.67 -7.23
C GLN A 126 11.92 -14.23 -8.00
N VAL A 127 10.68 -14.02 -7.48
CA VAL A 127 9.46 -14.48 -8.17
C VAL A 127 9.04 -13.52 -9.31
N GLY A 128 9.91 -12.56 -9.64
CA GLY A 128 9.68 -11.60 -10.71
C GLY A 128 8.65 -10.54 -10.42
N ARG A 129 8.52 -10.15 -9.13
CA ARG A 129 7.61 -9.11 -8.65
C ARG A 129 8.34 -7.83 -8.37
N LEU A 130 7.85 -6.72 -8.92
CA LEU A 130 8.43 -5.40 -8.71
C LEU A 130 7.62 -4.72 -7.59
N GLU A 131 8.27 -4.46 -6.44
CA GLU A 131 7.67 -3.80 -5.28
C GLU A 131 8.68 -3.02 -4.51
N ASN A 132 8.21 -1.95 -3.90
CA ASN A 132 9.02 -1.09 -3.04
C ASN A 132 8.09 -0.50 -1.97
N ALA A 133 8.62 0.27 -1.03
CA ALA A 133 7.87 0.94 0.05
C ALA A 133 6.86 1.86 -0.58
N ILE A 134 5.57 1.61 -0.39
CA ILE A 134 4.51 2.45 -0.96
C ILE A 134 3.70 3.26 0.13
N GLY A 135 3.85 2.87 1.39
CA GLY A 135 3.10 3.51 2.45
C GLY A 135 3.29 2.91 3.82
N TRP A 136 2.44 3.38 4.77
CA TRP A 136 2.36 2.91 6.14
C TRP A 136 0.88 2.62 6.49
N TYR A 137 0.70 1.63 7.39
CA TYR A 137 -0.63 1.29 7.90
C TYR A 137 -0.59 1.35 9.41
N HIS A 138 -1.75 1.58 10.02
CA HIS A 138 -1.94 1.56 11.44
C HIS A 138 -3.38 1.35 11.79
N SER A 139 -3.61 0.90 13.02
CA SER A 139 -4.95 0.60 13.53
C SER A 139 -5.54 1.67 14.48
N HIS A 140 -6.91 1.76 14.47
CA HIS A 140 -7.76 2.61 15.34
C HIS A 140 -8.74 1.62 15.99
N PRO A 141 -8.32 0.83 17.01
CA PRO A 141 -9.25 -0.17 17.57
C PRO A 141 -10.52 0.42 18.19
N GLY A 142 -11.61 0.33 17.44
CA GLY A 142 -12.93 0.77 17.85
C GLY A 142 -13.41 2.14 17.41
N TYR A 143 -12.52 3.04 16.92
CA TYR A 143 -13.01 4.37 16.58
C TYR A 143 -13.16 4.71 15.08
N GLY A 144 -12.79 3.82 14.16
CA GLY A 144 -12.98 4.10 12.75
C GLY A 144 -11.74 4.46 11.92
N CYS A 145 -11.96 4.62 10.62
CA CYS A 145 -10.90 4.90 9.66
C CYS A 145 -10.89 6.32 9.20
N TRP A 146 -9.90 7.05 9.66
CA TRP A 146 -9.70 8.47 9.43
C TRP A 146 -8.30 8.80 9.92
N LEU A 147 -7.88 10.06 9.80
CA LEU A 147 -6.56 10.45 10.28
C LEU A 147 -6.68 11.48 11.39
N SER A 148 -6.06 11.16 12.52
CA SER A 148 -6.00 12.08 13.64
C SER A 148 -5.10 13.27 13.20
N GLY A 149 -5.18 14.38 13.94
CA GLY A 149 -4.34 15.55 13.73
C GLY A 149 -2.88 15.16 13.63
N ILE A 150 -2.39 14.30 14.54
CA ILE A 150 -1.01 13.79 14.55
C ILE A 150 -0.74 12.95 13.28
N ASP A 151 -1.77 12.24 12.76
CA ASP A 151 -1.66 11.41 11.56
C ASP A 151 -1.52 12.27 10.33
N VAL A 152 -2.25 13.44 10.30
CA VAL A 152 -2.24 14.41 9.20
C VAL A 152 -0.87 15.08 9.14
N SER A 153 -0.30 15.45 10.28
CA SER A 153 1.06 15.98 10.31
C SER A 153 2.03 14.92 9.81
N THR A 154 1.83 13.63 10.20
CA THR A 154 2.69 12.51 9.78
C THR A 154 2.60 12.29 8.27
N GLN A 155 1.38 12.23 7.74
CA GLN A 155 1.16 11.98 6.32
C GLN A 155 1.59 13.17 5.42
N MET A 156 1.55 14.41 5.91
CA MET A 156 2.00 15.60 5.16
C MET A 156 3.53 15.52 4.96
N LEU A 157 4.24 15.12 6.04
CA LEU A 157 5.68 14.93 6.06
C LEU A 157 6.08 13.76 5.19
N ASN A 158 5.29 12.67 5.21
CA ASN A 158 5.47 11.46 4.40
C ASN A 158 5.30 11.85 2.92
N GLN A 159 4.29 12.66 2.59
CA GLN A 159 4.08 13.09 1.20
C GLN A 159 5.06 14.22 0.75
N GLN A 160 6.17 14.38 1.49
CA GLN A 160 7.26 15.31 1.24
C GLN A 160 8.51 14.48 1.10
N PHE A 161 8.91 13.79 2.19
CA PHE A 161 10.14 12.98 2.27
C PHE A 161 10.01 11.54 1.77
N GLN A 162 8.84 10.89 1.88
CA GLN A 162 8.69 9.47 1.50
C GLN A 162 7.92 9.25 0.19
N GLU A 163 7.46 10.34 -0.45
CA GLU A 163 6.63 10.35 -1.65
C GLU A 163 7.09 9.40 -2.80
N PRO A 164 6.21 8.67 -3.52
CA PRO A 164 4.75 8.48 -3.26
C PRO A 164 4.54 7.56 -2.03
N PHE A 165 3.65 7.99 -1.10
CA PHE A 165 3.36 7.29 0.16
C PHE A 165 1.91 7.43 0.52
N VAL A 166 1.27 6.31 0.82
CA VAL A 166 -0.16 6.25 1.19
C VAL A 166 -0.28 5.94 2.70
N ALA A 167 -1.41 6.35 3.31
CA ALA A 167 -1.74 6.06 4.72
C ALA A 167 -3.00 5.19 4.80
N VAL A 168 -2.81 3.98 5.30
CA VAL A 168 -3.91 3.05 5.48
C VAL A 168 -4.26 3.01 6.97
N VAL A 169 -5.56 3.05 7.27
CA VAL A 169 -6.08 2.92 8.64
C VAL A 169 -7.05 1.75 8.64
N ILE A 170 -6.81 0.78 9.56
CA ILE A 170 -7.65 -0.40 9.80
C ILE A 170 -8.31 -0.34 11.20
N ASP A 171 -9.62 -0.63 11.28
CA ASP A 171 -10.33 -0.76 12.56
C ASP A 171 -10.64 -2.27 12.65
N PRO A 172 -9.85 -3.00 13.49
CA PRO A 172 -10.02 -4.47 13.59
C PRO A 172 -11.22 -4.96 14.42
N THR A 173 -11.87 -4.05 15.16
CA THR A 173 -12.99 -4.36 16.05
C THR A 173 -14.33 -4.39 15.33
N ARG A 174 -14.69 -3.30 14.60
CA ARG A 174 -15.95 -3.24 13.87
C ARG A 174 -15.84 -3.79 12.45
N LYS A 180 -18.27 -4.82 7.87
CA LYS A 180 -17.16 -5.54 8.48
C LYS A 180 -15.77 -5.04 8.01
N VAL A 181 -15.50 -5.02 6.68
CA VAL A 181 -14.22 -4.55 6.10
C VAL A 181 -14.11 -3.04 6.30
N ASN A 182 -13.51 -2.68 7.46
CA ASN A 182 -13.27 -1.34 7.99
C ASN A 182 -11.81 -0.88 7.75
N LEU A 183 -11.54 -0.48 6.53
CA LEU A 183 -10.23 0.00 6.11
C LEU A 183 -10.43 1.30 5.30
N GLY A 184 -9.49 2.21 5.48
CA GLY A 184 -9.43 3.48 4.75
C GLY A 184 -8.04 3.68 4.17
N ALA A 185 -7.97 4.22 2.96
CA ALA A 185 -6.72 4.56 2.28
C ALA A 185 -6.77 6.05 2.09
N PHE A 186 -5.75 6.78 2.55
CA PHE A 186 -5.78 8.25 2.49
C PHE A 186 -4.51 8.92 2.06
N ARG A 187 -4.69 10.14 1.51
CA ARG A 187 -3.65 11.04 1.04
C ARG A 187 -3.93 12.42 1.58
N THR A 188 -2.95 13.01 2.28
CA THR A 188 -3.07 14.36 2.81
C THR A 188 -2.92 15.40 1.69
N TYR A 189 -3.56 16.57 1.84
CA TYR A 189 -3.42 17.68 0.90
C TYR A 189 -2.29 18.53 1.46
N PRO A 190 -1.57 19.32 0.63
CA PRO A 190 -0.48 20.16 1.18
C PRO A 190 -0.96 21.35 2.02
N LYS A 191 -0.13 21.77 3.02
CA LYS A 191 -0.39 22.91 3.91
C LYS A 191 -0.87 24.16 3.15
N GLY A 192 -2.11 24.56 3.44
CA GLY A 192 -2.76 25.70 2.81
C GLY A 192 -3.57 25.38 1.58
N TYR A 193 -3.61 24.10 1.12
CA TYR A 193 -4.39 23.75 -0.06
C TYR A 193 -5.87 23.63 0.24
N LYS A 194 -6.66 24.53 -0.35
CA LYS A 194 -8.10 24.56 -0.18
C LYS A 194 -8.79 23.89 -1.40
N PRO A 195 -9.34 22.66 -1.21
CA PRO A 195 -9.97 21.96 -2.33
C PRO A 195 -11.50 22.15 -2.41
N PRO A 196 -12.16 21.87 -3.56
CA PRO A 196 -13.63 22.02 -3.60
C PRO A 196 -14.35 20.73 -3.15
N ASP A 197 -15.64 20.55 -3.57
CA ASP A 197 -16.50 19.38 -3.32
C ASP A 197 -16.71 19.03 -1.81
N GLU A 198 -17.51 17.98 -1.56
CA GLU A 198 -17.84 17.43 -0.23
C GLU A 198 -17.28 16.00 -0.14
N GLY A 199 -16.78 15.63 1.05
CA GLY A 199 -16.21 14.31 1.27
C GLY A 199 -16.69 13.50 2.46
N PRO A 200 -18.00 13.51 2.88
CA PRO A 200 -18.40 12.66 4.01
C PRO A 200 -18.46 11.18 3.62
N SER A 201 -18.71 10.89 2.31
CA SER A 201 -18.81 9.56 1.68
C SER A 201 -19.65 8.60 2.53
N GLU A 202 -19.06 7.47 2.98
CA GLU A 202 -19.73 6.50 3.85
C GLU A 202 -19.77 7.08 5.26
N TYR A 203 -20.94 6.97 5.93
CA TYR A 203 -21.11 7.46 7.31
C TYR A 203 -20.36 6.54 8.28
N GLN A 204 -19.73 7.14 9.31
CA GLN A 204 -19.00 6.38 10.30
C GLN A 204 -19.31 6.87 11.72
N THR A 205 -19.63 5.93 12.61
CA THR A 205 -19.92 6.23 14.02
C THR A 205 -18.59 6.24 14.77
N ILE A 206 -18.12 7.44 15.08
CA ILE A 206 -16.88 7.62 15.83
C ILE A 206 -17.22 8.16 17.26
N PRO A 207 -16.44 7.84 18.31
CA PRO A 207 -16.80 8.32 19.66
C PRO A 207 -16.88 9.84 19.81
N LEU A 208 -17.52 10.29 20.91
CA LEU A 208 -17.71 11.70 21.20
C LEU A 208 -16.39 12.36 21.59
N ASN A 209 -15.48 11.57 22.20
CA ASN A 209 -14.12 11.98 22.65
C ASN A 209 -13.07 12.02 21.52
N LYS A 210 -13.50 11.81 20.24
CA LYS A 210 -12.65 11.83 19.04
C LYS A 210 -13.23 12.75 17.92
N ILE A 211 -14.55 13.03 17.96
CA ILE A 211 -15.27 13.81 16.92
C ILE A 211 -14.67 15.20 16.65
N GLU A 212 -14.10 15.85 17.68
CA GLU A 212 -13.51 17.17 17.48
C GLU A 212 -12.27 17.05 16.61
N ASP A 213 -11.32 16.18 17.00
CA ASP A 213 -10.08 15.89 16.28
C ASP A 213 -10.43 15.42 14.87
N PHE A 214 -11.51 14.65 14.71
CA PHE A 214 -11.95 14.19 13.41
C PHE A 214 -12.38 15.36 12.51
N GLY A 215 -13.54 15.96 12.80
CA GLY A 215 -14.13 17.09 12.07
C GLY A 215 -13.20 18.23 11.69
N VAL A 216 -12.29 18.62 12.59
CA VAL A 216 -11.30 19.69 12.40
C VAL A 216 -10.38 19.40 11.20
N HIS A 217 -9.71 18.23 11.24
CA HIS A 217 -8.73 17.77 10.28
C HIS A 217 -9.28 17.01 9.09
N CYS A 218 -10.59 16.69 9.09
CA CYS A 218 -11.24 15.86 8.05
C CYS A 218 -11.22 16.46 6.63
N LYS A 219 -10.74 17.72 6.49
CA LYS A 219 -10.65 18.43 5.21
C LYS A 219 -9.19 18.54 4.69
N GLN A 220 -8.20 18.30 5.56
CA GLN A 220 -6.76 18.35 5.29
C GLN A 220 -6.23 17.10 4.54
N TYR A 221 -7.13 16.17 4.12
CA TYR A 221 -6.82 14.92 3.40
C TYR A 221 -8.05 14.40 2.69
N TYR A 222 -7.88 13.33 1.91
CA TYR A 222 -9.00 12.71 1.19
C TYR A 222 -8.88 11.19 1.20
N ALA A 223 -9.99 10.51 0.86
CA ALA A 223 -10.04 9.07 0.78
C ALA A 223 -9.89 8.57 -0.64
N LEU A 224 -9.12 7.48 -0.80
CA LEU A 224 -8.91 6.76 -2.06
C LEU A 224 -9.97 5.66 -2.17
N GLU A 225 -10.33 5.28 -3.40
CA GLU A 225 -11.33 4.24 -3.68
C GLU A 225 -10.66 2.89 -3.57
N VAL A 226 -10.86 2.25 -2.40
CA VAL A 226 -10.22 0.97 -2.10
C VAL A 226 -10.88 -0.18 -2.84
N SER A 227 -10.04 -1.02 -3.45
CA SER A 227 -10.37 -2.22 -4.18
C SER A 227 -9.41 -3.30 -3.65
N TYR A 228 -9.78 -4.58 -3.81
CA TYR A 228 -9.02 -5.72 -3.31
C TYR A 228 -8.82 -6.74 -4.41
N PHE A 229 -7.63 -7.39 -4.44
CA PHE A 229 -7.28 -8.40 -5.43
C PHE A 229 -6.49 -9.58 -4.87
N LYS A 230 -6.67 -10.75 -5.47
CA LYS A 230 -5.92 -11.96 -5.14
C LYS A 230 -5.01 -12.25 -6.32
N SER A 231 -3.70 -12.26 -6.07
CA SER A 231 -2.69 -12.50 -7.10
C SER A 231 -2.55 -14.02 -7.32
N SER A 232 -1.81 -14.40 -8.39
CA SER A 232 -1.52 -15.80 -8.73
C SER A 232 -0.66 -16.45 -7.61
N LEU A 233 0.26 -15.64 -7.05
CA LEU A 233 1.19 -15.99 -5.96
C LEU A 233 0.51 -15.93 -4.57
N ASP A 234 -0.55 -15.09 -4.43
CA ASP A 234 -1.32 -14.90 -3.20
C ASP A 234 -2.48 -15.92 -3.05
N ARG A 235 -2.40 -17.06 -3.77
CA ARG A 235 -3.38 -18.15 -3.76
C ARG A 235 -2.99 -19.33 -2.84
N LYS A 236 -1.76 -19.30 -2.28
CA LYS A 236 -1.20 -20.33 -1.39
C LYS A 236 -1.89 -20.32 -0.02
ZN ZN B . -4.38 7.36 13.57
C1 6LT C . -2.91 6.78 17.28
C3 6LT C . -2.09 7.27 15.37
C11 6LT C . 2.45 6.77 14.67
C12 6LT C . 1.46 6.52 15.64
C14 6LT C . 1.29 5.10 16.07
C15 6LT C . -3.12 6.52 18.77
C16 6LT C . -2.61 7.62 19.73
C17 6LT C . -1.05 7.73 19.71
C18 6LT C . -0.45 8.33 18.39
C20 6LT C . 0.15 4.36 15.64
C21 6LT C . 0.05 3.04 16.06
C22 6LT C . 1.00 2.43 16.90
C23 6LT C . 2.11 3.15 17.35
C24 6LT C . 2.24 4.50 16.94
C25 6LT C . 4.82 7.74 12.97
C26 6LT C . 5.65 8.20 11.83
C28 6LT C . 6.21 9.41 11.87
C29 6LT C . 6.93 9.57 10.60
N2 6LT C . -1.80 7.11 16.65
N4 6LT C . -3.30 7.08 15.15
C5 6LT C . -3.95 6.74 16.40
C6 6LT C . -0.44 7.30 17.19
C7 6LT C . 0.65 7.57 16.13
C8 6LT C . 0.84 8.87 15.57
C9 6LT C . 1.85 9.13 14.63
C10 6LT C . 2.67 8.08 14.19
N13 6LT C . 3.61 8.34 13.14
O19 6LT C . -1.13 9.55 18.01
O27 6LT C . 5.31 6.95 13.75
N30 6LT C . 6.71 8.50 9.96
N31 6LT C . 5.94 7.64 10.67
C32 6LT C . 5.57 6.34 10.09
C33 6LT C . 7.74 10.73 10.12
C34 6LT C . 5.32 6.53 8.57
C35 6LT C . 6.76 5.36 10.29
F36 6LT C . 8.18 10.50 8.84
F37 6LT C . 6.94 11.84 10.15
#